data_6M4Q
#
_entry.id   6M4Q
#
_cell.length_a   60.073
_cell.length_b   145.716
_cell.length_c   90.447
_cell.angle_alpha   90.000
_cell.angle_beta   90.000
_cell.angle_gamma   90.000
#
_symmetry.space_group_name_H-M   'C 2 2 21'
#
loop_
_entity.id
_entity.type
_entity.pdbx_description
1 polymer 'Cytochrome P450'
2 non-polymer 'PROTOPORPHYRIN IX CONTAINING FE'
3 water water
#
_entity_poly.entity_id   1
_entity_poly.type   'polypeptide(L)'
_entity_poly.pdbx_seq_one_letter_code
;MTETPATPTGLPTARAAGCPFDPPPGLAALRDRAPLTRMEFPNGHVGWLATGHAVVRAVLADPRFSHRNDRRHWPLADIG
RGFPPLPGDMLHIDPPDHTRYRKLLAGKFTMRRMRRLTGSAQEIVAGKLDAMERHGGPLDLLEFFARPVPTLMVCALLGV
PLQDRATFHPPVRGTDDAAAVEADVAAYVEMTYADMQEYFRKLVAAKRAAPADDLLSDLTTSDLTEDELVGLCAVMMHAG
VDSTSNMLALGTWALLERPDQLAALRERPDLADRAVEELMRYMSVVHTGSRAALEDVELAGEVVRAGESVAFSVQAANRD
PARFADPDTLDIRRGAVGHLGFGYGVHQCLGMQLARVEMRVAFPALFARFPALRLAVPAGDVPMRDDLVIPYGVHRLPVT
W
;
_entity_poly.pdbx_strand_id   A
#
# COMPACT_ATOMS: atom_id res chain seq x y z
N PRO A 8 -5.35 11.93 -26.03
CA PRO A 8 -6.24 11.19 -26.91
C PRO A 8 -6.81 9.95 -26.21
N THR A 9 -5.96 8.97 -25.89
CA THR A 9 -6.44 7.77 -25.19
C THR A 9 -7.02 8.11 -23.81
N GLY A 10 -7.95 7.28 -23.36
CA GLY A 10 -8.32 7.28 -21.96
C GLY A 10 -7.53 6.20 -21.23
N LEU A 11 -7.57 6.24 -19.90
CA LEU A 11 -6.87 5.19 -19.12
C LEU A 11 -7.62 3.84 -19.16
N PRO A 12 -7.02 2.75 -19.64
CA PRO A 12 -7.70 1.44 -19.57
C PRO A 12 -7.80 0.97 -18.13
N THR A 13 -9.02 0.69 -17.67
CA THR A 13 -9.24 0.31 -16.27
C THR A 13 -10.02 -0.99 -16.10
N ALA A 14 -10.62 -1.53 -17.15
CA ALA A 14 -11.46 -2.71 -17.00
C ALA A 14 -10.62 -3.96 -16.72
N ARG A 15 -10.84 -4.58 -15.56
CA ARG A 15 -10.22 -5.85 -15.20
C ARG A 15 -10.90 -6.99 -15.95
N ALA A 16 -10.14 -8.04 -16.26
CA ALA A 16 -10.73 -9.22 -16.90
C ALA A 16 -11.36 -10.17 -15.89
N ALA A 17 -12.52 -10.71 -16.27
CA ALA A 17 -13.40 -11.43 -15.34
C ALA A 17 -12.76 -12.69 -14.76
N GLY A 18 -11.93 -13.40 -15.50
CA GLY A 18 -11.37 -14.58 -14.87
C GLY A 18 -10.01 -14.38 -14.24
N CYS A 19 -9.56 -13.15 -14.11
CA CYS A 19 -8.14 -12.83 -13.91
C CYS A 19 -8.04 -11.77 -12.83
N PRO A 20 -8.38 -12.12 -11.58
CA PRO A 20 -8.44 -11.08 -10.53
C PRO A 20 -7.13 -10.37 -10.27
N PHE A 21 -6.00 -10.98 -10.54
CA PHE A 21 -4.74 -10.37 -10.12
C PHE A 21 -4.08 -9.54 -11.20
N ASP A 22 -4.59 -9.62 -12.44
CA ASP A 22 -3.82 -9.02 -13.51
C ASP A 22 -4.36 -7.66 -13.88
N PRO A 23 -3.49 -6.83 -14.48
CA PRO A 23 -3.91 -5.48 -14.83
C PRO A 23 -4.96 -5.49 -15.94
N PRO A 24 -5.69 -4.38 -16.07
CA PRO A 24 -6.56 -4.16 -17.25
C PRO A 24 -5.83 -4.52 -18.53
N PRO A 25 -6.42 -5.39 -19.35
CA PRO A 25 -5.75 -5.82 -20.60
C PRO A 25 -5.23 -4.73 -21.50
N GLY A 26 -5.89 -3.56 -21.58
CA GLY A 26 -5.44 -2.55 -22.55
C GLY A 26 -4.12 -1.90 -22.21
N LEU A 27 -3.65 -2.05 -20.97
CA LEU A 27 -2.43 -1.35 -20.56
C LEU A 27 -1.20 -1.88 -21.25
N ALA A 28 -1.09 -3.21 -21.43
CA ALA A 28 0.13 -3.82 -21.96
C ALA A 28 0.41 -3.34 -23.36
N ALA A 29 -0.57 -3.42 -24.25
CA ALA A 29 -0.29 -3.03 -25.62
C ALA A 29 0.06 -1.53 -25.71
N LEU A 30 -0.61 -0.71 -24.91
CA LEU A 30 -0.27 0.71 -24.80
C LEU A 30 1.19 0.91 -24.36
N ARG A 31 1.56 0.30 -23.24
CA ARG A 31 2.91 0.43 -22.70
C ARG A 31 3.93 -0.04 -23.70
N ASP A 32 3.66 -1.17 -24.35
CA ASP A 32 4.73 -1.76 -25.09
C ASP A 32 5.00 -0.96 -26.37
N ARG A 33 3.98 -0.19 -26.85
CA ARG A 33 4.06 0.73 -28.00
C ARG A 33 4.53 2.14 -27.64
N ALA A 34 4.05 2.70 -26.53
CA ALA A 34 4.30 4.11 -26.20
C ALA A 34 4.21 4.23 -24.68
N PRO A 35 5.33 4.00 -23.98
CA PRO A 35 5.27 4.03 -22.49
C PRO A 35 5.00 5.41 -21.92
N LEU A 36 5.10 6.49 -22.73
CA LEU A 36 4.52 7.78 -22.37
C LEU A 36 3.62 8.18 -23.54
N THR A 37 2.37 8.46 -23.24
CA THR A 37 1.42 8.86 -24.31
C THR A 37 0.47 9.92 -23.78
N ARG A 38 -0.13 10.67 -24.69
CA ARG A 38 -1.14 11.66 -24.30
C ARG A 38 -2.39 10.98 -23.76
N MET A 39 -3.01 11.59 -22.75
CA MET A 39 -4.18 10.99 -22.15
C MET A 39 -5.20 12.06 -21.78
N GLU A 40 -6.48 11.82 -22.08
CA GLU A 40 -7.55 12.67 -21.60
C GLU A 40 -8.01 12.12 -20.27
N PHE A 41 -7.99 12.97 -19.24
CA PHE A 41 -8.39 12.59 -17.89
C PHE A 41 -9.90 12.54 -17.78
N PRO A 42 -10.42 11.90 -16.74
CA PRO A 42 -11.89 11.89 -16.57
C PRO A 42 -12.54 13.26 -16.60
N ASN A 43 -11.92 14.30 -16.05
CA ASN A 43 -12.52 15.65 -16.06
C ASN A 43 -12.27 16.41 -17.36
N GLY A 44 -11.64 15.80 -18.36
CA GLY A 44 -11.41 16.49 -19.61
C GLY A 44 -10.00 17.06 -19.74
N HIS A 45 -9.23 17.20 -18.65
CA HIS A 45 -7.85 17.69 -18.74
C HIS A 45 -7.06 16.81 -19.72
N VAL A 46 -6.29 17.45 -20.59
CA VAL A 46 -5.40 16.71 -21.49
C VAL A 46 -4.00 16.72 -20.90
N GLY A 47 -3.53 15.54 -20.48
CA GLY A 47 -2.22 15.38 -19.89
C GLY A 47 -1.55 14.20 -20.53
N TRP A 48 -0.92 13.37 -19.69
CA TRP A 48 -0.08 12.28 -20.15
C TRP A 48 -0.37 11.04 -19.30
N LEU A 49 0.03 9.89 -19.86
CA LEU A 49 -0.04 8.61 -19.15
C LEU A 49 1.29 7.90 -19.29
N ALA A 50 1.91 7.59 -18.15
CA ALA A 50 3.19 6.87 -18.08
C ALA A 50 2.89 5.43 -17.65
N THR A 51 3.26 4.46 -18.50
CA THR A 51 3.02 3.04 -18.21
C THR A 51 4.29 2.21 -18.17
N GLY A 52 5.40 2.68 -18.73
CA GLY A 52 6.64 1.93 -18.67
C GLY A 52 7.32 2.08 -17.32
N HIS A 53 8.09 1.04 -16.96
CA HIS A 53 8.76 1.07 -15.67
C HIS A 53 9.76 2.24 -15.58
N ALA A 54 10.59 2.44 -16.61
CA ALA A 54 11.55 3.54 -16.56
C ALA A 54 10.88 4.89 -16.52
N VAL A 55 9.80 5.08 -17.32
CA VAL A 55 9.17 6.41 -17.33
C VAL A 55 8.43 6.68 -16.02
N VAL A 56 7.79 5.64 -15.43
CA VAL A 56 7.14 5.82 -14.13
C VAL A 56 8.19 6.20 -13.08
N ARG A 57 9.34 5.50 -13.05
CA ARG A 57 10.41 5.86 -12.13
C ARG A 57 10.82 7.31 -12.30
N ALA A 58 10.96 7.75 -13.56
CA ALA A 58 11.42 9.12 -13.81
C ALA A 58 10.42 10.13 -13.27
N VAL A 59 9.13 9.83 -13.36
CA VAL A 59 8.11 10.72 -12.81
C VAL A 59 8.22 10.75 -11.30
N LEU A 60 8.36 9.57 -10.68
CA LEU A 60 8.30 9.46 -9.22
C LEU A 60 9.57 9.97 -8.55
N ALA A 61 10.69 10.02 -9.28
CA ALA A 61 11.95 10.46 -8.71
C ALA A 61 12.20 11.95 -8.86
N ASP A 62 11.41 12.65 -9.65
CA ASP A 62 11.71 14.01 -10.04
C ASP A 62 10.97 14.98 -9.13
N PRO A 63 11.68 15.81 -8.36
CA PRO A 63 11.00 16.77 -7.49
C PRO A 63 10.26 17.86 -8.26
N ARG A 64 10.44 17.99 -9.58
CA ARG A 64 9.65 18.91 -10.37
C ARG A 64 8.22 18.44 -10.57
N PHE A 65 7.88 17.23 -10.11
CA PHE A 65 6.52 16.71 -10.20
C PHE A 65 5.81 16.82 -8.85
N SER A 66 4.76 17.61 -8.80
CA SER A 66 3.97 17.87 -7.61
C SER A 66 2.94 16.78 -7.36
N HIS A 67 2.70 16.50 -6.07
CA HIS A 67 1.63 15.62 -5.66
C HIS A 67 0.57 16.37 -4.85
N ARG A 68 0.51 17.70 -5.03
CA ARG A 68 -0.54 18.46 -4.36
C ARG A 68 -1.88 18.25 -5.08
N ASN A 69 -2.95 18.08 -4.30
CA ASN A 69 -4.26 17.87 -4.91
C ASN A 69 -4.80 19.12 -5.59
N ASP A 70 -4.31 20.32 -5.26
CA ASP A 70 -4.68 21.55 -5.96
C ASP A 70 -3.78 21.83 -7.16
N ARG A 71 -2.89 20.90 -7.52
CA ARG A 71 -2.07 21.01 -8.73
C ARG A 71 -2.33 19.92 -9.73
N ARG A 72 -2.54 18.67 -9.31
CA ARG A 72 -2.71 17.58 -10.27
C ARG A 72 -4.19 17.30 -10.50
N HIS A 73 -4.44 16.61 -11.61
CA HIS A 73 -5.76 16.07 -11.90
C HIS A 73 -5.80 14.59 -11.57
N TRP A 74 -6.91 14.13 -11.05
CA TRP A 74 -7.02 12.75 -10.57
C TRP A 74 -7.34 11.84 -11.75
N PRO A 75 -6.65 10.71 -11.92
CA PRO A 75 -6.82 9.96 -13.16
C PRO A 75 -7.93 8.95 -13.12
N LEU A 76 -8.59 8.73 -11.98
CA LEU A 76 -9.58 7.67 -11.80
C LEU A 76 -10.97 8.20 -11.50
N ALA A 77 -11.17 9.50 -11.46
CA ALA A 77 -12.52 10.02 -11.17
C ALA A 77 -12.65 11.40 -11.77
N ASP A 78 -13.87 11.70 -12.23
CA ASP A 78 -14.22 12.95 -12.90
C ASP A 78 -14.58 13.92 -11.79
N ILE A 79 -13.54 14.53 -11.24
CA ILE A 79 -13.74 15.50 -10.18
C ILE A 79 -12.85 16.72 -10.56
N GLY A 82 -9.75 19.26 -5.30
CA GLY A 82 -8.39 19.73 -5.29
C GLY A 82 -8.05 20.80 -4.28
N PHE A 83 -7.74 20.39 -3.05
CA PHE A 83 -7.48 21.34 -1.97
C PHE A 83 -6.04 21.22 -1.48
N PRO A 84 -5.51 22.29 -0.88
CA PRO A 84 -4.15 22.21 -0.35
C PRO A 84 -4.03 21.12 0.68
N PRO A 85 -2.81 20.56 0.87
CA PRO A 85 -2.65 19.45 1.81
C PRO A 85 -2.86 19.88 3.25
N LEU A 86 -3.36 18.95 4.03
CA LEU A 86 -3.60 19.12 5.45
C LEU A 86 -2.31 18.81 6.21
N PRO A 87 -2.13 19.44 7.37
CA PRO A 87 -0.95 19.14 8.19
C PRO A 87 -0.81 17.64 8.39
N GLY A 88 0.41 17.15 8.18
CA GLY A 88 0.73 15.77 8.41
C GLY A 88 0.56 14.88 7.20
N ASP A 89 -0.05 15.37 6.13
CA ASP A 89 -0.28 14.50 4.97
C ASP A 89 0.87 14.61 3.98
N MET A 90 1.99 13.99 4.39
CA MET A 90 3.23 14.20 3.64
C MET A 90 3.16 13.68 2.21
N LEU A 91 2.30 12.69 1.93
CA LEU A 91 2.21 12.18 0.56
C LEU A 91 1.81 13.27 -0.42
N HIS A 92 0.99 14.24 0.03
CA HIS A 92 0.49 15.29 -0.85
C HIS A 92 1.08 16.65 -0.54
N ILE A 93 2.26 16.67 0.09
CA ILE A 93 3.00 17.89 0.36
C ILE A 93 4.24 17.85 -0.54
N ASP A 94 4.54 19.00 -1.14
CA ASP A 94 5.73 19.11 -2.01
C ASP A 94 6.95 19.61 -1.25
N PRO A 95 8.14 19.45 -1.80
CA PRO A 95 9.30 20.12 -1.23
C PRO A 95 9.07 21.61 -1.19
N PRO A 96 9.71 22.32 -0.24
CA PRO A 96 10.65 21.80 0.76
C PRO A 96 9.94 21.29 2.00
N ASP A 97 8.65 21.58 2.23
CA ASP A 97 8.03 21.03 3.44
C ASP A 97 8.14 19.50 3.45
N HIS A 98 7.94 18.85 2.30
CA HIS A 98 8.03 17.41 2.27
C HIS A 98 9.39 16.95 2.75
N THR A 99 10.45 17.67 2.35
CA THR A 99 11.81 17.28 2.70
C THR A 99 12.01 17.35 4.21
N ARG A 100 11.38 18.32 4.87
CA ARG A 100 11.41 18.39 6.34
C ARG A 100 10.83 17.13 6.97
N TYR A 101 9.65 16.70 6.52
CA TYR A 101 9.10 15.43 7.03
C TYR A 101 10.05 14.28 6.74
N ARG A 102 10.61 14.20 5.54
CA ARG A 102 11.44 13.06 5.18
C ARG A 102 12.72 13.01 6.01
N LYS A 103 13.37 14.14 6.22
CA LYS A 103 14.60 14.15 7.00
C LYS A 103 14.32 13.79 8.45
N LEU A 104 13.17 14.17 8.97
CA LEU A 104 12.84 13.78 10.35
C LEU A 104 12.51 12.29 10.44
N LEU A 105 11.73 11.75 9.50
CA LEU A 105 11.11 10.44 9.63
C LEU A 105 11.89 9.28 9.00
N ALA A 106 12.63 9.52 7.92
CA ALA A 106 13.24 8.39 7.21
C ALA A 106 14.09 7.53 8.13
N GLY A 107 14.91 8.16 8.96
CA GLY A 107 15.78 7.41 9.84
C GLY A 107 15.06 6.64 10.94
N LYS A 108 13.81 6.98 11.23
CA LYS A 108 12.98 6.23 12.18
C LYS A 108 12.30 5.01 11.57
N PHE A 109 12.33 4.89 10.24
CA PHE A 109 11.58 3.89 9.50
C PHE A 109 12.51 2.93 8.77
N THR A 110 13.80 2.91 9.12
CA THR A 110 14.72 1.98 8.45
C THR A 110 14.38 0.53 8.81
N MET A 111 14.89 -0.38 7.98
CA MET A 111 14.68 -1.80 8.29
C MET A 111 15.28 -2.17 9.65
N ARG A 112 16.42 -1.59 10.01
CA ARG A 112 17.00 -1.92 11.32
C ARG A 112 16.05 -1.54 12.44
N ARG A 113 15.38 -0.39 12.33
CA ARG A 113 14.43 -0.01 13.37
C ARG A 113 13.16 -0.86 13.30
N MET A 114 12.64 -1.10 12.08
CA MET A 114 11.37 -1.81 11.98
C MET A 114 11.50 -3.28 12.35
N ARG A 115 12.70 -3.85 12.18
CA ARG A 115 12.92 -5.25 12.55
C ARG A 115 12.79 -5.42 14.06
N ARG A 116 12.95 -4.34 14.84
CA ARG A 116 12.70 -4.46 16.27
C ARG A 116 11.24 -4.73 16.59
N LEU A 117 10.32 -4.51 15.66
CA LEU A 117 8.92 -4.84 15.83
C LEU A 117 8.57 -6.23 15.32
N THR A 118 9.57 -7.05 14.94
CA THR A 118 9.26 -8.40 14.43
C THR A 118 8.50 -9.23 15.46
N GLY A 119 8.93 -9.17 16.72
CA GLY A 119 8.26 -9.96 17.75
C GLY A 119 6.81 -9.53 17.93
N SER A 120 6.59 -8.21 17.93
CA SER A 120 5.23 -7.68 17.99
C SER A 120 4.39 -8.22 16.83
N ALA A 121 4.95 -8.19 15.61
CA ALA A 121 4.22 -8.71 14.46
C ALA A 121 3.91 -10.19 14.62
N GLN A 122 4.88 -10.99 15.08
CA GLN A 122 4.63 -12.42 15.27
C GLN A 122 3.47 -12.63 16.25
N GLU A 123 3.44 -11.86 17.34
CA GLU A 123 2.40 -12.08 18.36
C GLU A 123 1.04 -11.53 17.92
N ILE A 124 1.03 -10.42 17.15
CA ILE A 124 -0.24 -9.95 16.59
C ILE A 124 -0.80 -10.98 15.64
N VAL A 125 0.06 -11.48 14.73
CA VAL A 125 -0.33 -12.55 13.82
C VAL A 125 -0.82 -13.77 14.61
N ALA A 126 -0.06 -14.20 15.60
CA ALA A 126 -0.43 -15.40 16.38
C ALA A 126 -1.80 -15.27 16.99
N GLY A 127 -2.09 -14.11 17.59
CA GLY A 127 -3.37 -13.92 18.24
C GLY A 127 -4.53 -14.00 17.28
N LYS A 128 -4.36 -13.45 16.07
CA LYS A 128 -5.46 -13.52 15.10
C LYS A 128 -5.61 -14.90 14.51
N LEU A 129 -4.50 -15.64 14.34
CA LEU A 129 -4.62 -17.03 13.90
C LEU A 129 -5.35 -17.86 14.96
N ASP A 130 -5.05 -17.61 16.24
CA ASP A 130 -5.73 -18.34 17.32
C ASP A 130 -7.22 -18.08 17.28
N ALA A 131 -7.62 -16.81 17.10
CA ALA A 131 -9.06 -16.51 17.07
C ALA A 131 -9.74 -17.10 15.82
N MET A 132 -9.03 -17.17 14.68
CA MET A 132 -9.57 -17.90 13.52
C MET A 132 -9.84 -19.36 13.86
N GLU A 133 -8.86 -20.06 14.45
CA GLU A 133 -9.06 -21.48 14.71
C GLU A 133 -10.19 -21.71 15.69
N ARG A 134 -10.33 -20.84 16.70
CA ARG A 134 -11.42 -20.99 17.66
C ARG A 134 -12.79 -20.80 17.00
N HIS A 135 -12.91 -19.84 16.09
CA HIS A 135 -14.16 -19.65 15.40
C HIS A 135 -14.47 -20.81 14.45
N GLY A 136 -13.44 -21.30 13.74
CA GLY A 136 -13.61 -22.32 12.72
C GLY A 136 -14.01 -21.72 11.38
N GLY A 137 -13.77 -22.50 10.32
CA GLY A 137 -14.14 -22.09 8.98
C GLY A 137 -15.60 -22.43 8.73
N PRO A 138 -16.24 -21.72 7.80
CA PRO A 138 -15.67 -20.66 6.97
C PRO A 138 -15.71 -19.31 7.70
N LEU A 139 -14.83 -18.41 7.32
CA LEU A 139 -14.87 -17.06 7.86
C LEU A 139 -14.25 -16.10 6.84
N ASP A 140 -14.43 -14.81 7.05
CA ASP A 140 -13.85 -13.78 6.18
C ASP A 140 -12.44 -13.44 6.66
N LEU A 141 -11.43 -13.73 5.82
CA LEU A 141 -10.04 -13.42 6.19
C LEU A 141 -9.84 -11.93 6.49
N LEU A 142 -10.58 -11.03 5.80
CA LEU A 142 -10.35 -9.59 6.06
C LEU A 142 -10.75 -9.23 7.50
N GLU A 143 -11.96 -9.61 7.90
CA GLU A 143 -12.45 -9.27 9.24
C GLU A 143 -11.57 -9.88 10.32
N PHE A 144 -11.14 -11.12 10.10
CA PHE A 144 -10.41 -11.84 11.15
C PHE A 144 -8.92 -11.55 11.16
N PHE A 145 -8.33 -11.12 10.06
CA PHE A 145 -6.87 -11.20 9.96
C PHE A 145 -6.28 -10.03 9.13
N ALA A 146 -6.73 -9.89 7.85
CA ALA A 146 -6.03 -8.97 6.94
C ALA A 146 -6.23 -7.50 7.34
N ARG A 147 -7.41 -7.15 7.93
CA ARG A 147 -7.55 -5.78 8.45
C ARG A 147 -6.99 -5.60 9.86
N PRO A 148 -7.30 -6.46 10.84
CA PRO A 148 -6.77 -6.19 12.20
C PRO A 148 -5.25 -6.27 12.31
N VAL A 149 -4.60 -7.18 11.58
CA VAL A 149 -3.14 -7.29 11.74
C VAL A 149 -2.42 -5.97 11.45
N PRO A 150 -2.61 -5.32 10.28
CA PRO A 150 -1.88 -4.07 10.06
C PRO A 150 -2.39 -2.94 10.92
N THR A 151 -3.66 -2.96 11.33
CA THR A 151 -4.14 -1.93 12.26
C THR A 151 -3.38 -2.02 13.58
N LEU A 152 -3.29 -3.23 14.15
CA LEU A 152 -2.58 -3.41 15.41
C LEU A 152 -1.10 -3.15 15.22
N MET A 153 -0.54 -3.41 14.04
CA MET A 153 0.86 -3.05 13.80
C MET A 153 1.10 -1.55 13.84
N VAL A 154 0.21 -0.74 13.24
CA VAL A 154 0.40 0.71 13.34
C VAL A 154 0.21 1.17 14.79
N CYS A 155 -0.75 0.57 15.50
CA CYS A 155 -0.90 0.89 16.93
C CYS A 155 0.38 0.57 17.70
N ALA A 156 1.03 -0.56 17.41
CA ALA A 156 2.29 -0.89 18.09
C ALA A 156 3.39 0.11 17.75
N LEU A 157 3.51 0.46 16.46
CA LEU A 157 4.50 1.44 16.02
C LEU A 157 4.34 2.76 16.78
N LEU A 158 3.08 3.25 16.87
CA LEU A 158 2.83 4.55 17.52
C LEU A 158 2.70 4.45 19.03
N GLY A 159 2.65 3.25 19.59
CA GLY A 159 2.51 3.17 21.04
C GLY A 159 1.10 3.48 21.52
N VAL A 160 0.08 3.13 20.74
CA VAL A 160 -1.31 3.32 21.18
C VAL A 160 -1.57 2.40 22.37
N PRO A 161 -2.10 2.90 23.46
CA PRO A 161 -2.42 2.03 24.62
C PRO A 161 -3.20 0.79 24.19
N LEU A 162 -2.87 -0.36 24.80
CA LEU A 162 -3.51 -1.61 24.42
C LEU A 162 -5.02 -1.53 24.52
N GLN A 163 -5.51 -0.86 25.57
CA GLN A 163 -6.94 -0.81 25.83
C GLN A 163 -7.70 0.12 24.87
N ASP A 164 -7.00 0.90 24.02
CA ASP A 164 -7.63 1.80 23.07
C ASP A 164 -7.64 1.24 21.66
N ARG A 165 -6.89 0.19 21.38
CA ARG A 165 -6.69 -0.24 20.00
C ARG A 165 -7.97 -0.71 19.34
N ALA A 166 -8.92 -1.25 20.12
CA ALA A 166 -10.16 -1.76 19.51
C ALA A 166 -10.96 -0.67 18.81
N THR A 167 -10.75 0.59 19.14
CA THR A 167 -11.52 1.62 18.45
C THR A 167 -11.12 1.75 16.99
N PHE A 168 -9.98 1.20 16.56
CA PHE A 168 -9.44 1.43 15.23
C PHE A 168 -9.76 0.34 14.19
N HIS A 169 -10.46 -0.73 14.55
CA HIS A 169 -10.87 -1.68 13.52
C HIS A 169 -12.20 -2.32 13.91
N PRO A 170 -12.97 -2.81 12.93
CA PRO A 170 -14.26 -3.42 13.26
C PRO A 170 -14.06 -4.68 14.09
N PRO A 171 -14.96 -4.93 15.04
CA PRO A 171 -14.80 -6.10 15.92
C PRO A 171 -14.85 -7.41 15.15
N VAL A 172 -14.01 -8.36 15.59
CA VAL A 172 -13.91 -9.68 14.98
C VAL A 172 -14.99 -10.55 15.62
N ARG A 173 -15.93 -11.02 14.81
CA ARG A 173 -17.13 -11.64 15.39
C ARG A 173 -17.38 -13.08 14.97
N TYR A 188 -19.92 -0.44 17.54
CA TYR A 188 -18.67 0.02 16.93
C TYR A 188 -18.97 1.16 15.95
N VAL A 189 -18.18 2.23 16.02
CA VAL A 189 -18.27 3.34 15.08
C VAL A 189 -16.95 3.46 14.35
N GLU A 190 -16.99 3.46 13.03
CA GLU A 190 -15.79 3.58 12.24
C GLU A 190 -15.29 5.03 12.37
N MET A 191 -14.05 5.21 12.80
CA MET A 191 -13.59 6.56 13.14
C MET A 191 -13.35 7.39 11.90
N THR A 192 -13.83 8.63 11.92
CA THR A 192 -13.46 9.58 10.88
C THR A 192 -12.06 10.13 11.13
N TYR A 193 -11.53 10.82 10.12
CA TYR A 193 -10.26 11.52 10.27
C TYR A 193 -10.33 12.49 11.47
N ALA A 194 -11.43 13.23 11.60
CA ALA A 194 -11.57 14.15 12.72
C ALA A 194 -11.61 13.43 14.06
N ASP A 195 -12.30 12.29 14.15
CA ASP A 195 -12.29 11.47 15.36
C ASP A 195 -10.87 11.06 15.72
N MET A 196 -10.09 10.66 14.71
CA MET A 196 -8.74 10.22 14.98
C MET A 196 -7.86 11.38 15.43
N GLN A 197 -8.03 12.55 14.80
CA GLN A 197 -7.24 13.70 15.23
C GLN A 197 -7.51 14.03 16.70
N GLU A 198 -8.78 13.97 17.11
CA GLU A 198 -9.11 14.24 18.51
C GLU A 198 -8.45 13.23 19.45
N TYR A 199 -8.48 11.94 19.08
CA TYR A 199 -7.85 10.91 19.88
C TYR A 199 -6.33 11.14 19.98
N PHE A 200 -5.68 11.39 18.84
CA PHE A 200 -4.23 11.53 18.86
C PHE A 200 -3.79 12.84 19.53
N ARG A 201 -4.63 13.89 19.53
CA ARG A 201 -4.30 15.08 20.32
C ARG A 201 -4.12 14.71 21.78
N LYS A 202 -5.06 13.93 22.32
CA LYS A 202 -4.93 13.50 23.71
C LYS A 202 -3.73 12.58 23.92
N LEU A 203 -3.51 11.63 22.99
CA LEU A 203 -2.41 10.69 23.17
C LEU A 203 -1.07 11.41 23.09
N VAL A 204 -0.92 12.36 22.17
CA VAL A 204 0.31 13.14 22.10
C VAL A 204 0.60 13.85 23.42
N ALA A 205 -0.43 14.46 24.02
CA ALA A 205 -0.21 15.12 25.31
C ALA A 205 0.25 14.12 26.36
N ALA A 206 -0.36 12.93 26.38
CA ALA A 206 0.00 11.91 27.35
C ALA A 206 1.44 11.44 27.18
N LYS A 207 1.87 11.25 25.92
CA LYS A 207 3.24 10.80 25.67
C LYS A 207 4.24 11.92 25.95
N ARG A 208 3.85 13.17 25.70
CA ARG A 208 4.72 14.28 26.09
C ARG A 208 5.01 14.24 27.58
N ALA A 209 4.01 13.89 28.39
CA ALA A 209 4.20 13.86 29.83
C ALA A 209 4.92 12.61 30.30
N ALA A 210 4.66 11.48 29.64
CA ALA A 210 5.21 10.18 30.05
C ALA A 210 5.71 9.42 28.83
N PRO A 211 6.92 9.75 28.36
CA PRO A 211 7.46 9.08 27.17
C PRO A 211 7.57 7.57 27.36
N ALA A 212 7.53 6.85 26.24
CA ALA A 212 7.80 5.42 26.14
C ALA A 212 8.72 5.18 24.93
N ASP A 213 9.12 3.92 24.75
CA ASP A 213 10.01 3.56 23.64
C ASP A 213 9.14 3.25 22.42
N ASP A 214 8.63 4.31 21.79
CA ASP A 214 7.81 4.17 20.59
C ASP A 214 7.97 5.42 19.73
N LEU A 215 7.51 5.31 18.48
CA LEU A 215 7.69 6.38 17.51
C LEU A 215 6.98 7.67 17.94
N LEU A 216 5.75 7.58 18.44
CA LEU A 216 5.01 8.79 18.79
C LEU A 216 5.72 9.54 19.92
N SER A 217 6.15 8.82 20.98
CA SER A 217 6.90 9.48 22.03
C SER A 217 8.14 10.16 21.48
N ASP A 218 8.84 9.47 20.59
CA ASP A 218 10.05 10.03 20.01
C ASP A 218 9.74 11.31 19.23
N LEU A 219 8.61 11.35 18.53
CA LEU A 219 8.29 12.53 17.73
C LEU A 219 7.79 13.70 18.57
N THR A 220 7.38 13.48 19.81
CA THR A 220 7.01 14.64 20.62
C THR A 220 8.20 15.57 20.91
N THR A 221 9.44 15.15 20.66
CA THR A 221 10.62 15.99 20.82
C THR A 221 11.07 16.67 19.54
N SER A 222 10.34 16.51 18.46
CA SER A 222 10.67 17.07 17.18
C SER A 222 10.03 18.45 17.03
N ASP A 223 10.27 19.09 15.89
CA ASP A 223 9.77 20.41 15.56
C ASP A 223 8.34 20.38 15.02
N LEU A 224 7.74 19.21 14.87
CA LEU A 224 6.40 19.15 14.32
C LEU A 224 5.44 19.88 15.25
N THR A 225 4.52 20.65 14.66
CA THR A 225 3.46 21.21 15.48
C THR A 225 2.52 20.10 15.95
N GLU A 226 1.70 20.43 16.96
CA GLU A 226 0.67 19.47 17.35
C GLU A 226 -0.19 19.09 16.15
N ASP A 227 -0.60 20.07 15.34
CA ASP A 227 -1.47 19.72 14.22
C ASP A 227 -0.75 18.78 13.24
N GLU A 228 0.54 19.03 12.99
CA GLU A 228 1.28 18.16 12.07
C GLU A 228 1.42 16.77 12.62
N LEU A 229 1.73 16.65 13.92
CA LEU A 229 1.95 15.32 14.50
C LEU A 229 0.64 14.53 14.58
N VAL A 230 -0.43 15.19 15.00
CA VAL A 230 -1.74 14.54 15.07
C VAL A 230 -2.21 14.13 13.68
N GLY A 231 -1.97 14.99 12.67
CA GLY A 231 -2.34 14.64 11.30
C GLY A 231 -1.53 13.46 10.78
N LEU A 232 -0.22 13.44 11.08
CA LEU A 232 0.61 12.31 10.68
C LEU A 232 0.09 11.00 11.26
N CYS A 233 -0.34 11.02 12.53
CA CYS A 233 -0.85 9.80 13.16
C CYS A 233 -2.14 9.35 12.50
N ALA A 234 -3.08 10.30 12.28
CA ALA A 234 -4.35 9.91 11.65
C ALA A 234 -4.13 9.40 10.23
N VAL A 235 -3.24 10.03 9.48
CA VAL A 235 -2.93 9.52 8.15
C VAL A 235 -2.39 8.11 8.25
N MET A 236 -1.49 7.86 9.22
CA MET A 236 -0.81 6.57 9.31
C MET A 236 -1.80 5.43 9.55
N MET A 237 -2.87 5.69 10.28
CA MET A 237 -3.88 4.68 10.54
C MET A 237 -4.64 4.25 9.30
N HIS A 238 -4.61 5.03 8.22
CA HIS A 238 -5.09 4.59 6.92
C HIS A 238 -3.95 4.18 6.00
N ALA A 239 -2.89 5.01 5.92
CA ALA A 239 -1.78 4.70 5.02
C ALA A 239 -1.12 3.37 5.34
N GLY A 240 -1.09 2.97 6.62
CA GLY A 240 -0.46 1.71 6.97
C GLY A 240 -1.39 0.53 6.97
N VAL A 241 -2.69 0.73 6.70
CA VAL A 241 -3.70 -0.31 6.85
C VAL A 241 -4.33 -0.73 5.52
N ASP A 242 -4.83 0.23 4.73
CA ASP A 242 -5.66 -0.17 3.59
C ASP A 242 -4.89 -1.04 2.59
N SER A 243 -3.73 -0.55 2.13
CA SER A 243 -2.94 -1.34 1.20
C SER A 243 -2.43 -2.63 1.83
N THR A 244 -1.94 -2.58 3.08
CA THR A 244 -1.41 -3.81 3.69
C THR A 244 -2.50 -4.87 3.78
N SER A 245 -3.71 -4.46 4.16
N SER A 245 -3.71 -4.45 4.17
CA SER A 245 -4.80 -5.40 4.32
CA SER A 245 -4.80 -5.41 4.31
C SER A 245 -5.15 -6.08 3.00
C SER A 245 -5.12 -6.09 2.99
N ASN A 246 -5.22 -5.28 1.91
CA ASN A 246 -5.51 -5.86 0.61
C ASN A 246 -4.36 -6.67 0.05
N MET A 247 -3.10 -6.33 0.38
CA MET A 247 -1.99 -7.22 0.04
C MET A 247 -2.09 -8.56 0.78
N LEU A 248 -2.44 -8.54 2.08
CA LEU A 248 -2.57 -9.80 2.82
C LEU A 248 -3.70 -10.65 2.22
N ALA A 249 -4.82 -10.01 1.83
CA ALA A 249 -5.92 -10.79 1.26
C ALA A 249 -5.56 -11.33 -0.13
N LEU A 250 -5.15 -10.44 -1.06
CA LEU A 250 -4.83 -10.89 -2.42
C LEU A 250 -3.66 -11.87 -2.43
N GLY A 251 -2.64 -11.60 -1.61
CA GLY A 251 -1.48 -12.48 -1.58
C GLY A 251 -1.79 -13.86 -1.02
N THR A 252 -2.70 -13.94 -0.04
CA THR A 252 -3.09 -15.24 0.50
C THR A 252 -3.85 -16.02 -0.55
N TRP A 253 -4.78 -15.34 -1.25
CA TRP A 253 -5.54 -15.98 -2.31
C TRP A 253 -4.61 -16.48 -3.43
N ALA A 254 -3.65 -15.66 -3.86
CA ALA A 254 -2.77 -16.10 -4.93
C ALA A 254 -1.91 -17.28 -4.51
N LEU A 255 -1.42 -17.27 -3.26
CA LEU A 255 -0.54 -18.35 -2.79
C LEU A 255 -1.34 -19.65 -2.68
N LEU A 256 -2.59 -19.59 -2.20
CA LEU A 256 -3.28 -20.86 -1.97
C LEU A 256 -3.67 -21.54 -3.29
N GLU A 257 -3.68 -20.79 -4.40
CA GLU A 257 -3.86 -21.36 -5.73
C GLU A 257 -2.59 -21.96 -6.30
N ARG A 258 -1.46 -21.84 -5.59
CA ARG A 258 -0.15 -22.22 -6.14
C ARG A 258 0.52 -23.12 -5.10
N PRO A 259 -0.02 -24.31 -4.88
CA PRO A 259 0.54 -25.18 -3.85
C PRO A 259 1.99 -25.53 -4.09
N ASP A 260 2.46 -25.47 -5.35
CA ASP A 260 3.87 -25.69 -5.62
C ASP A 260 4.73 -24.58 -5.01
N GLN A 261 4.24 -23.34 -5.04
CA GLN A 261 4.99 -22.25 -4.42
C GLN A 261 4.89 -22.30 -2.90
N LEU A 262 3.72 -22.69 -2.38
CA LEU A 262 3.64 -22.91 -0.93
C LEU A 262 4.62 -23.98 -0.46
N ALA A 263 4.78 -25.06 -1.24
CA ALA A 263 5.74 -26.11 -0.89
C ALA A 263 7.14 -25.56 -0.85
N ALA A 264 7.49 -24.72 -1.82
CA ALA A 264 8.82 -24.10 -1.83
C ALA A 264 9.03 -23.23 -0.59
N LEU A 265 8.02 -22.49 -0.18
CA LEU A 265 8.14 -21.64 1.01
C LEU A 265 8.16 -22.44 2.31
N ARG A 266 7.43 -23.56 2.37
CA ARG A 266 7.49 -24.44 3.53
C ARG A 266 8.87 -25.05 3.66
N GLU A 267 9.45 -25.50 2.53
CA GLU A 267 10.73 -26.21 2.53
C GLU A 267 11.90 -25.27 2.78
N ARG A 268 11.75 -24.00 2.35
CA ARG A 268 12.77 -22.97 2.45
C ARG A 268 12.12 -21.70 3.00
N PRO A 269 11.94 -21.62 4.32
CA PRO A 269 11.24 -20.46 4.90
C PRO A 269 11.94 -19.15 4.64
N ASP A 270 13.24 -19.18 4.34
CA ASP A 270 13.97 -17.97 3.96
C ASP A 270 13.42 -17.32 2.71
N LEU A 271 12.63 -18.05 1.92
CA LEU A 271 11.99 -17.49 0.73
C LEU A 271 10.90 -16.48 1.05
N ALA A 272 10.54 -16.31 2.32
CA ALA A 272 9.52 -15.33 2.67
C ALA A 272 9.84 -13.94 2.12
N ASP A 273 11.09 -13.50 2.24
CA ASP A 273 11.42 -12.14 1.81
C ASP A 273 11.20 -11.98 0.31
N ARG A 274 11.66 -12.95 -0.49
CA ARG A 274 11.43 -12.87 -1.94
C ARG A 274 9.95 -12.98 -2.27
N ALA A 275 9.21 -13.83 -1.57
CA ALA A 275 7.80 -13.98 -1.82
C ALA A 275 7.04 -12.67 -1.62
N VAL A 276 7.37 -11.91 -0.56
CA VAL A 276 6.71 -10.63 -0.33
C VAL A 276 7.00 -9.67 -1.47
N GLU A 277 8.25 -9.60 -1.96
CA GLU A 277 8.53 -8.69 -3.06
C GLU A 277 7.79 -9.10 -4.31
N GLU A 278 7.77 -10.40 -4.63
CA GLU A 278 7.06 -10.84 -5.83
C GLU A 278 5.57 -10.60 -5.72
N LEU A 279 4.97 -10.81 -4.55
CA LEU A 279 3.55 -10.49 -4.40
C LEU A 279 3.29 -8.98 -4.55
N MET A 280 4.19 -8.14 -4.01
CA MET A 280 4.06 -6.69 -4.18
C MET A 280 4.05 -6.35 -5.67
N ARG A 281 4.98 -6.89 -6.43
CA ARG A 281 5.09 -6.64 -7.86
C ARG A 281 3.84 -7.12 -8.60
N TYR A 282 3.38 -8.31 -8.26
CA TYR A 282 2.32 -8.94 -9.05
C TYR A 282 0.98 -8.28 -8.78
N MET A 283 0.75 -7.87 -7.55
CA MET A 283 -0.58 -7.35 -7.19
C MET A 283 -0.72 -5.86 -7.48
N SER A 284 0.34 -5.08 -7.26
CA SER A 284 0.33 -3.62 -7.55
C SER A 284 -0.95 -2.97 -7.05
N VAL A 285 -1.23 -3.12 -5.74
CA VAL A 285 -2.53 -2.64 -5.25
C VAL A 285 -2.68 -1.13 -5.35
N VAL A 286 -1.59 -0.35 -5.20
CA VAL A 286 -1.66 1.10 -5.46
C VAL A 286 -1.40 1.26 -6.95
N HIS A 287 -2.46 1.03 -7.74
CA HIS A 287 -2.25 0.68 -9.15
C HIS A 287 -1.99 1.88 -10.05
N THR A 288 -2.47 3.07 -9.64
CA THR A 288 -2.50 4.25 -10.52
C THR A 288 -2.35 5.47 -9.63
N GLY A 289 -1.66 6.50 -10.14
CA GLY A 289 -1.64 7.79 -9.49
C GLY A 289 -1.43 8.90 -10.50
N SER A 290 -1.16 10.10 -10.01
CA SER A 290 -0.74 11.15 -10.96
C SER A 290 0.14 12.18 -10.22
N ARG A 291 0.86 12.97 -11.01
CA ARG A 291 1.64 14.11 -10.55
C ARG A 291 1.44 15.24 -11.56
N ALA A 292 1.75 16.46 -11.16
CA ALA A 292 1.64 17.63 -12.05
C ALA A 292 2.99 18.27 -12.21
N ALA A 293 3.34 18.66 -13.42
CA ALA A 293 4.61 19.34 -13.64
C ALA A 293 4.59 20.74 -13.03
N LEU A 294 5.60 21.07 -12.22
CA LEU A 294 5.73 22.40 -11.63
C LEU A 294 6.44 23.35 -12.58
N GLU A 295 7.13 22.78 -13.56
CA GLU A 295 7.82 23.54 -14.60
C GLU A 295 7.91 22.59 -15.80
N ASP A 296 8.29 23.12 -16.97
CA ASP A 296 8.44 22.21 -18.11
C ASP A 296 9.49 21.14 -17.82
N VAL A 297 9.17 19.87 -18.14
CA VAL A 297 10.04 18.73 -17.85
C VAL A 297 10.20 17.88 -19.10
N GLU A 298 11.45 17.59 -19.50
CA GLU A 298 11.62 16.60 -20.57
C GLU A 298 11.50 15.21 -19.98
N LEU A 299 10.57 14.43 -20.53
CA LEU A 299 10.24 13.09 -20.05
C LEU A 299 10.08 12.18 -21.25
N ALA A 300 10.91 11.15 -21.37
CA ALA A 300 10.75 10.14 -22.41
C ALA A 300 10.66 10.76 -23.81
N GLY A 301 11.48 11.79 -24.06
CA GLY A 301 11.55 12.41 -25.37
C GLY A 301 10.48 13.43 -25.66
N GLU A 302 9.63 13.76 -24.68
CA GLU A 302 8.57 14.76 -24.82
C GLU A 302 8.77 15.85 -23.80
N VAL A 303 8.32 17.06 -24.07
CA VAL A 303 8.24 18.09 -23.03
C VAL A 303 6.85 18.05 -22.41
N VAL A 304 6.80 17.72 -21.12
CA VAL A 304 5.58 17.88 -20.33
C VAL A 304 5.58 19.31 -19.82
N ARG A 305 4.57 20.08 -20.20
CA ARG A 305 4.56 21.49 -19.89
C ARG A 305 4.06 21.73 -18.48
N ALA A 306 4.56 22.82 -17.88
CA ALA A 306 4.11 23.22 -16.55
C ALA A 306 2.59 23.21 -16.46
N GLY A 307 2.05 22.61 -15.40
CA GLY A 307 0.63 22.53 -15.20
C GLY A 307 -0.03 21.28 -15.77
N GLU A 308 0.67 20.52 -16.63
CA GLU A 308 0.10 19.28 -17.13
C GLU A 308 0.28 18.16 -16.10
N SER A 309 -0.75 17.33 -16.02
CA SER A 309 -0.68 16.13 -15.18
C SER A 309 -0.17 14.94 -15.98
N VAL A 310 0.63 14.12 -15.30
CA VAL A 310 1.08 12.83 -15.80
C VAL A 310 0.46 11.76 -14.88
N ALA A 311 -0.51 11.00 -15.39
CA ALA A 311 -0.97 9.81 -14.69
C ALA A 311 0.11 8.75 -14.84
N PHE A 312 0.27 7.90 -13.83
CA PHE A 312 1.23 6.82 -13.92
C PHE A 312 0.59 5.51 -13.49
N SER A 313 0.93 4.44 -14.16
CA SER A 313 0.40 3.12 -13.84
C SER A 313 1.50 2.29 -13.17
N VAL A 314 1.41 2.16 -11.82
CA VAL A 314 2.30 1.25 -11.11
C VAL A 314 2.08 -0.17 -11.61
N GLN A 315 0.82 -0.54 -11.85
CA GLN A 315 0.55 -1.92 -12.23
C GLN A 315 1.10 -2.26 -13.59
N ALA A 316 1.04 -1.30 -14.57
CA ALA A 316 1.65 -1.57 -15.86
C ALA A 316 3.17 -1.62 -15.74
N ALA A 317 3.72 -0.73 -14.93
CA ALA A 317 5.19 -0.70 -14.78
C ALA A 317 5.69 -2.03 -14.18
N ASN A 318 4.91 -2.63 -13.26
CA ASN A 318 5.33 -3.84 -12.56
C ASN A 318 5.15 -5.08 -13.42
N ARG A 319 4.49 -4.96 -14.60
CA ARG A 319 4.43 -6.05 -15.57
C ARG A 319 5.24 -5.71 -16.83
N ASP A 320 6.14 -4.74 -16.75
CA ASP A 320 6.84 -4.29 -17.98
C ASP A 320 7.91 -5.32 -18.37
N PRO A 321 7.81 -5.95 -19.55
CA PRO A 321 8.88 -6.88 -19.97
C PRO A 321 10.20 -6.21 -20.21
N ALA A 322 10.27 -4.87 -20.30
CA ALA A 322 11.56 -4.21 -20.40
C ALA A 322 12.35 -4.36 -19.11
N ARG A 323 11.66 -4.57 -18.00
CA ARG A 323 12.27 -4.62 -16.67
C ARG A 323 12.27 -5.99 -16.03
N PHE A 324 11.30 -6.86 -16.33
CA PHE A 324 11.17 -8.13 -15.63
C PHE A 324 11.03 -9.25 -16.64
N ALA A 325 11.74 -10.35 -16.40
CA ALA A 325 11.54 -11.55 -17.20
C ALA A 325 10.17 -12.16 -16.89
N ASP A 326 9.47 -12.64 -17.91
CA ASP A 326 8.21 -13.35 -17.74
C ASP A 326 7.31 -12.58 -16.75
N PRO A 327 7.00 -11.30 -17.05
CA PRO A 327 6.41 -10.44 -16.04
C PRO A 327 5.05 -10.90 -15.59
N ASP A 328 4.34 -11.64 -16.44
CA ASP A 328 3.01 -12.05 -16.08
C ASP A 328 2.96 -13.41 -15.39
N THR A 329 4.10 -13.95 -15.01
CA THR A 329 4.14 -15.16 -14.18
C THR A 329 4.45 -14.76 -12.74
N LEU A 330 3.68 -15.29 -11.79
CA LEU A 330 3.96 -15.11 -10.38
C LEU A 330 4.94 -16.21 -9.96
N ASP A 331 6.15 -15.84 -9.56
CA ASP A 331 7.13 -16.86 -9.14
C ASP A 331 7.91 -16.31 -7.96
N ILE A 332 7.56 -16.78 -6.76
CA ILE A 332 8.19 -16.24 -5.56
C ILE A 332 9.69 -16.56 -5.52
N ARG A 333 10.14 -17.58 -6.27
CA ARG A 333 11.54 -17.94 -6.24
C ARG A 333 12.43 -16.87 -6.85
N ARG A 334 11.89 -16.00 -7.70
CA ARG A 334 12.68 -14.92 -8.31
C ARG A 334 12.33 -13.57 -7.71
N GLY A 335 11.56 -13.54 -6.62
CA GLY A 335 11.14 -12.25 -6.06
C GLY A 335 12.34 -11.41 -5.69
N ALA A 336 12.24 -10.11 -5.93
CA ALA A 336 13.36 -9.21 -5.67
C ALA A 336 12.83 -7.80 -5.56
N VAL A 337 13.60 -6.95 -4.87
CA VAL A 337 13.29 -5.51 -4.96
C VAL A 337 13.44 -5.06 -6.42
N GLY A 338 12.80 -3.92 -6.74
CA GLY A 338 12.90 -3.25 -8.06
C GLY A 338 11.51 -2.89 -8.60
N HIS A 339 10.51 -3.60 -8.15
CA HIS A 339 9.14 -3.26 -8.47
C HIS A 339 8.81 -1.92 -7.84
N LEU A 340 7.72 -1.33 -8.33
CA LEU A 340 7.25 -0.02 -7.88
C LEU A 340 6.03 -0.11 -6.97
N GLY A 341 5.77 -1.28 -6.33
CA GLY A 341 4.62 -1.41 -5.48
C GLY A 341 4.62 -0.53 -4.23
N PHE A 342 5.82 -0.12 -3.77
CA PHE A 342 5.95 0.86 -2.70
C PHE A 342 6.30 2.22 -3.27
N GLY A 343 5.99 2.45 -4.55
CA GLY A 343 6.40 3.73 -5.10
C GLY A 343 7.90 3.81 -5.28
N TYR A 344 8.40 5.04 -5.37
CA TYR A 344 9.78 5.26 -5.75
C TYR A 344 10.10 6.73 -5.53
N GLY A 345 11.38 7.03 -5.28
CA GLY A 345 11.76 8.43 -5.38
C GLY A 345 11.18 9.29 -4.25
N VAL A 346 10.70 10.47 -4.65
CA VAL A 346 10.38 11.53 -3.70
C VAL A 346 9.49 11.00 -2.58
N HIS A 347 8.37 10.39 -2.97
CA HIS A 347 7.38 9.90 -2.02
C HIS A 347 7.40 8.37 -1.90
N GLN A 348 8.60 7.74 -1.95
CA GLN A 348 8.64 6.28 -1.73
C GLN A 348 8.00 5.96 -0.38
N CYS A 349 7.24 4.88 -0.33
CA CYS A 349 6.44 4.57 0.87
C CYS A 349 7.30 4.65 2.10
N LEU A 350 6.90 5.49 3.05
CA LEU A 350 7.68 5.62 4.27
C LEU A 350 7.66 4.34 5.10
N GLY A 351 6.54 3.64 5.11
CA GLY A 351 6.31 2.48 5.94
C GLY A 351 6.72 1.20 5.29
N MET A 352 7.43 1.21 4.16
CA MET A 352 7.65 -0.02 3.39
C MET A 352 8.39 -1.08 4.20
N GLN A 353 9.36 -0.69 5.04
CA GLN A 353 10.10 -1.69 5.81
C GLN A 353 9.23 -2.34 6.88
N LEU A 354 8.37 -1.55 7.54
CA LEU A 354 7.38 -2.12 8.46
C LEU A 354 6.44 -3.06 7.72
N ALA A 355 5.93 -2.62 6.55
CA ALA A 355 5.04 -3.46 5.76
C ALA A 355 5.71 -4.79 5.43
N ARG A 356 6.99 -4.73 4.99
CA ARG A 356 7.75 -5.95 4.75
C ARG A 356 7.83 -6.83 5.99
N VAL A 357 8.18 -6.26 7.16
CA VAL A 357 8.31 -7.08 8.38
C VAL A 357 6.99 -7.81 8.63
N GLU A 358 5.85 -7.10 8.55
CA GLU A 358 4.60 -7.75 8.89
C GLU A 358 4.18 -8.77 7.85
N MET A 359 4.37 -8.50 6.55
CA MET A 359 4.01 -9.50 5.55
C MET A 359 4.95 -10.71 5.56
N ARG A 360 6.24 -10.50 5.85
CA ARG A 360 7.16 -11.62 5.94
C ARG A 360 6.79 -12.58 7.10
N VAL A 361 6.22 -12.05 8.17
CA VAL A 361 5.71 -12.91 9.23
C VAL A 361 4.41 -13.55 8.81
N ALA A 362 3.48 -12.75 8.29
CA ALA A 362 2.08 -13.16 8.14
C ALA A 362 1.90 -14.27 7.10
N PHE A 363 2.44 -14.10 5.88
CA PHE A 363 2.15 -15.09 4.84
C PHE A 363 2.60 -16.50 5.23
N PRO A 364 3.84 -16.73 5.68
CA PRO A 364 4.20 -18.11 6.03
C PRO A 364 3.45 -18.60 7.25
N ALA A 365 3.13 -17.69 8.21
CA ALA A 365 2.44 -18.16 9.43
C ALA A 365 1.02 -18.64 9.13
N LEU A 366 0.33 -17.98 8.19
CA LEU A 366 -1.03 -18.36 7.84
C LEU A 366 -1.06 -19.79 7.36
N PHE A 367 -0.10 -20.15 6.48
CA PHE A 367 -0.08 -21.49 5.90
C PHE A 367 0.57 -22.50 6.82
N ALA A 368 1.42 -22.06 7.74
CA ALA A 368 1.93 -23.00 8.74
C ALA A 368 0.82 -23.44 9.68
N ARG A 369 -0.10 -22.53 10.01
CA ARG A 369 -1.17 -22.86 10.95
C ARG A 369 -2.32 -23.57 10.24
N PHE A 370 -2.61 -23.16 8.99
CA PHE A 370 -3.71 -23.70 8.20
C PHE A 370 -3.18 -24.17 6.84
N PRO A 371 -2.51 -25.32 6.78
CA PRO A 371 -1.87 -25.71 5.51
C PRO A 371 -2.86 -25.88 4.37
N ALA A 372 -4.10 -26.27 4.67
CA ALA A 372 -5.12 -26.49 3.65
C ALA A 372 -6.04 -25.29 3.46
N LEU A 373 -5.58 -24.10 3.86
CA LEU A 373 -6.34 -22.88 3.65
C LEU A 373 -6.77 -22.78 2.19
N ARG A 374 -8.05 -22.46 1.99
CA ARG A 374 -8.60 -22.39 0.64
C ARG A 374 -9.84 -21.50 0.66
N LEU A 375 -10.29 -21.08 -0.52
CA LEU A 375 -11.51 -20.27 -0.55
C LEU A 375 -12.71 -21.08 -0.08
N ALA A 376 -13.65 -20.40 0.55
CA ALA A 376 -14.87 -21.03 1.05
C ALA A 376 -16.04 -20.83 0.10
N VAL A 377 -15.82 -20.16 -1.03
CA VAL A 377 -16.84 -19.88 -2.02
C VAL A 377 -16.20 -20.01 -3.39
N PRO A 378 -17.01 -20.15 -4.45
CA PRO A 378 -16.48 -20.09 -5.81
C PRO A 378 -15.72 -18.78 -6.02
N ALA A 379 -14.59 -18.88 -6.72
CA ALA A 379 -13.74 -17.70 -6.93
C ALA A 379 -14.50 -16.53 -7.54
N GLY A 380 -15.49 -16.80 -8.39
CA GLY A 380 -16.26 -15.75 -9.02
C GLY A 380 -17.20 -15.03 -8.09
N ASP A 381 -17.40 -15.57 -6.90
CA ASP A 381 -18.23 -14.96 -5.87
C ASP A 381 -17.43 -14.08 -4.91
N VAL A 382 -16.11 -14.03 -5.03
CA VAL A 382 -15.31 -13.16 -4.15
C VAL A 382 -15.62 -11.72 -4.56
N PRO A 383 -16.06 -10.86 -3.65
CA PRO A 383 -16.44 -9.50 -4.06
C PRO A 383 -15.22 -8.61 -4.25
N MET A 384 -14.94 -8.29 -5.51
CA MET A 384 -13.79 -7.45 -5.83
C MET A 384 -14.10 -5.97 -5.61
N ARG A 385 -13.07 -5.21 -5.26
CA ARG A 385 -13.26 -3.75 -5.29
C ARG A 385 -13.48 -3.29 -6.71
N ASP A 386 -14.33 -2.27 -6.87
CA ASP A 386 -14.59 -1.65 -8.17
C ASP A 386 -13.28 -1.20 -8.82
N ASP A 387 -13.29 -1.22 -10.17
CA ASP A 387 -12.08 -1.00 -10.97
C ASP A 387 -11.35 0.30 -10.66
N LEU A 388 -12.05 1.33 -10.18
CA LEU A 388 -11.43 2.64 -9.98
C LEU A 388 -10.98 2.90 -8.56
N VAL A 389 -11.33 2.02 -7.61
CA VAL A 389 -10.94 2.22 -6.22
C VAL A 389 -9.44 1.98 -6.07
N ILE A 390 -8.80 2.79 -5.23
CA ILE A 390 -7.41 2.56 -4.87
C ILE A 390 -7.28 2.55 -3.35
N PRO A 391 -6.61 1.55 -2.75
CA PRO A 391 -5.98 0.41 -3.41
C PRO A 391 -6.98 -0.60 -3.94
N TYR A 392 -6.53 -1.40 -4.91
CA TYR A 392 -7.29 -2.56 -5.34
C TYR A 392 -7.29 -3.66 -4.28
N GLY A 393 -8.25 -4.55 -4.37
CA GLY A 393 -8.35 -5.65 -3.42
C GLY A 393 -9.76 -6.22 -3.45
N VAL A 394 -10.17 -6.75 -2.30
CA VAL A 394 -11.44 -7.42 -2.15
C VAL A 394 -12.18 -6.83 -0.96
N HIS A 395 -13.50 -6.98 -0.96
CA HIS A 395 -14.25 -6.54 0.21
C HIS A 395 -14.31 -7.57 1.31
N ARG A 396 -14.30 -8.85 0.93
CA ARG A 396 -14.29 -9.97 1.85
C ARG A 396 -13.52 -11.08 1.14
N LEU A 397 -12.94 -12.00 1.90
CA LEU A 397 -12.29 -13.19 1.31
C LEU A 397 -12.70 -14.39 2.14
N PRO A 398 -13.82 -15.04 1.78
CA PRO A 398 -14.28 -16.21 2.57
C PRO A 398 -13.28 -17.35 2.39
N VAL A 399 -12.75 -17.85 3.53
CA VAL A 399 -11.78 -18.95 3.55
C VAL A 399 -12.22 -20.04 4.52
N THR A 400 -11.71 -21.24 4.28
CA THR A 400 -11.83 -22.32 5.24
C THR A 400 -10.54 -23.13 5.18
N TRP A 401 -10.47 -24.22 5.95
CA TRP A 401 -9.23 -25.03 6.06
C TRP A 401 -9.56 -26.43 6.62
#